data_5KJQ
#
_entry.id   5KJQ
#
_cell.length_a   45.271
_cell.length_b   58.157
_cell.length_c   62.908
_cell.angle_alpha   90.00
_cell.angle_beta   90.00
_cell.angle_gamma   90.00
#
_symmetry.space_group_name_H-M   'P 21 21 21'
#
loop_
_entity.id
_entity.type
_entity.pdbx_description
1 polymer 'Endoglucanase V-like protein'
2 branched beta-D-glucopyranose-(1-4)-beta-D-glucopyranose
3 non-polymer 'SULFATE ION'
4 water water
#
_entity_poly.entity_id   1
_entity_poly.type   'polypeptide(L)'
_entity_poly.pdbx_seq_one_letter_code
;ATGGYVQQATGQASFTMYSGCGSPACGKAASGFTAAINQLAFGSAPGLGAGDACGRCFALTGNHDPYSPNYTGPFGQTIV
VKVTDLCPVQGNQEFCGQTTSNPTNQHGMPFHFDICEDTGGSAKFFPSGHGALTGTFTEVSCSQWSGSDGGQLWNGACLS
GETAPNWPSTACGNKGTAPS
;
_entity_poly.pdbx_strand_id   A
#
loop_
_chem_comp.id
_chem_comp.type
_chem_comp.name
_chem_comp.formula
BGC D-saccharide, beta linking beta-D-glucopyranose 'C6 H12 O6'
SO4 non-polymer 'SULFATE ION' 'O4 S -2'
#
# COMPACT_ATOMS: atom_id res chain seq x y z
N ALA A 1 -2.09 -7.29 14.27
CA ALA A 1 -1.16 -8.38 13.97
C ALA A 1 0.08 -8.31 14.86
N THR A 2 0.96 -9.30 14.73
CA THR A 2 2.20 -9.32 15.49
C THR A 2 2.94 -8.00 15.29
N GLY A 3 3.47 -7.45 16.39
CA GLY A 3 4.08 -6.15 16.36
C GLY A 3 3.11 -5.00 16.57
N GLY A 4 1.82 -5.27 16.70
CA GLY A 4 0.83 -4.23 16.89
C GLY A 4 0.40 -3.55 15.61
N TYR A 5 0.90 -4.01 14.47
CA TYR A 5 0.53 -3.42 13.20
C TYR A 5 -0.95 -3.67 12.93
N VAL A 6 -1.57 -2.73 12.20
CA VAL A 6 -2.97 -2.82 11.85
C VAL A 6 -3.03 -3.29 10.40
N GLN A 7 -3.38 -4.55 10.21
CA GLN A 7 -3.30 -5.22 8.91
C GLN A 7 -4.64 -5.92 8.73
N GLN A 8 -5.53 -5.29 7.97
CA GLN A 8 -6.86 -5.82 7.74
C GLN A 8 -7.06 -5.98 6.24
N ALA A 9 -7.74 -7.06 5.85
CA ALA A 9 -7.89 -7.39 4.43
C ALA A 9 -8.85 -6.46 3.70
N THR A 10 -9.70 -5.73 4.41
CA THR A 10 -10.54 -4.74 3.75
C THR A 10 -10.71 -3.55 4.67
N GLY A 11 -11.05 -2.41 4.08
CA GLY A 11 -11.28 -1.21 4.86
C GLY A 11 -11.33 0.04 3.99
N GLN A 12 -11.18 1.19 4.64
CA GLN A 12 -11.18 2.48 3.96
C GLN A 12 -9.75 3.01 3.91
N ALA A 13 -9.42 3.66 2.79
CA ALA A 13 -8.07 4.16 2.63
C ALA A 13 -8.10 5.46 1.87
N SER A 14 -7.06 6.26 2.07
CA SER A 14 -6.76 7.33 1.14
C SER A 14 -5.74 6.84 0.12
N PHE A 15 -5.56 7.65 -0.94
CA PHE A 15 -4.78 7.25 -2.10
C PHE A 15 -4.00 8.44 -2.62
N THR A 16 -2.71 8.25 -2.85
CA THR A 16 -1.92 9.19 -3.63
C THR A 16 -1.13 8.43 -4.70
N MET A 17 -0.26 9.13 -5.38
CA MET A 17 0.61 8.56 -6.39
C MET A 17 2.03 9.06 -6.16
N TYR A 18 3.01 8.22 -6.48
CA TYR A 18 4.40 8.59 -6.31
C TYR A 18 5.26 8.05 -7.45
N SER A 19 6.45 8.61 -7.56
CA SER A 19 7.37 8.26 -8.62
C SER A 19 8.58 7.54 -8.07
N GLY A 20 9.10 6.59 -8.83
CA GLY A 20 10.32 5.91 -8.46
C GLY A 20 10.11 4.78 -7.49
N CYS A 21 9.54 3.67 -7.95
CA CYS A 21 9.34 2.52 -7.09
C CYS A 21 10.26 1.36 -7.47
N GLY A 22 11.39 1.67 -8.10
CA GLY A 22 12.32 0.65 -8.54
C GLY A 22 13.16 0.00 -7.46
N SER A 23 13.24 0.62 -6.28
CA SER A 23 14.01 0.08 -5.16
C SER A 23 13.18 0.17 -3.89
N PRO A 24 12.10 -0.61 -3.80
CA PRO A 24 11.13 -0.43 -2.72
C PRO A 24 11.50 -1.19 -1.45
N ALA A 25 10.78 -0.87 -0.38
CA ALA A 25 11.13 -1.37 0.94
C ALA A 25 10.98 -2.88 1.08
N CYS A 26 10.19 -3.55 0.21
CA CYS A 26 10.13 -5.00 0.29
C CYS A 26 11.38 -5.64 -0.27
N GLY A 27 12.16 -4.92 -1.07
CA GLY A 27 13.38 -5.46 -1.63
C GLY A 27 13.24 -6.10 -2.98
N LYS A 28 12.03 -6.14 -3.52
CA LYS A 28 11.75 -6.53 -4.90
C LYS A 28 10.74 -5.54 -5.46
N ALA A 29 11.03 -5.00 -6.64
CA ALA A 29 10.04 -4.28 -7.42
C ALA A 29 9.17 -5.28 -8.17
N ALA A 30 8.24 -4.77 -8.98
CA ALA A 30 7.41 -5.64 -9.80
C ALA A 30 6.95 -4.86 -11.02
N SER A 31 6.68 -5.60 -12.10
CA SER A 31 6.34 -4.98 -13.36
C SER A 31 4.88 -4.57 -13.44
N GLY A 32 4.01 -5.17 -12.63
CA GLY A 32 2.62 -4.79 -12.60
C GLY A 32 2.40 -3.49 -11.83
N PHE A 33 1.12 -3.17 -11.65
CA PHE A 33 0.75 -2.06 -10.78
C PHE A 33 1.19 -2.34 -9.34
N THR A 34 1.84 -1.37 -8.70
CA THR A 34 2.33 -1.57 -7.36
C THR A 34 2.02 -0.36 -6.50
N ALA A 35 2.10 -0.57 -5.18
CA ALA A 35 1.85 0.52 -4.26
C ALA A 35 2.72 0.36 -3.03
N ALA A 36 2.94 1.50 -2.36
CA ALA A 36 3.38 1.55 -0.98
C ALA A 36 2.15 1.61 -0.09
N ILE A 37 2.24 0.99 1.08
CA ILE A 37 1.16 1.07 2.06
C ILE A 37 1.70 1.72 3.33
N ASN A 38 0.82 2.40 4.07
CA ASN A 38 1.29 3.14 5.24
C ASN A 38 1.97 2.21 6.24
N GLN A 39 2.93 2.76 7.00
CA GLN A 39 3.78 1.98 7.89
C GLN A 39 3.00 1.07 8.82
N LEU A 40 1.92 1.59 9.43
CA LEU A 40 1.15 0.80 10.40
C LEU A 40 0.60 -0.47 9.77
N ALA A 41 0.34 -0.46 8.45
CA ALA A 41 -0.11 -1.65 7.76
C ALA A 41 1.01 -2.40 7.08
N PHE A 42 2.10 -1.71 6.76
CA PHE A 42 3.21 -2.35 6.05
C PHE A 42 3.82 -3.46 6.88
N GLY A 43 3.99 -3.22 8.18
CA GLY A 43 4.56 -4.24 9.05
C GLY A 43 6.05 -4.18 9.26
N SER A 44 6.68 -3.03 9.07
CA SER A 44 8.10 -2.86 9.31
C SER A 44 8.34 -1.35 9.39
N ALA A 45 9.58 -0.97 9.70
CA ALA A 45 9.93 0.44 9.74
C ALA A 45 11.04 0.70 8.74
N PRO A 46 11.35 1.96 8.41
CA PRO A 46 12.48 2.23 7.51
C PRO A 46 13.75 1.52 7.98
N GLY A 47 14.41 0.84 7.04
CA GLY A 47 15.65 0.15 7.31
C GLY A 47 15.53 -1.24 7.91
N LEU A 48 14.32 -1.71 8.23
CA LEU A 48 14.15 -3.01 8.85
C LEU A 48 13.74 -4.10 7.86
N GLY A 49 13.61 -3.77 6.58
CA GLY A 49 13.28 -4.77 5.59
C GLY A 49 11.79 -4.94 5.37
N ALA A 50 11.45 -6.07 4.75
CA ALA A 50 10.08 -6.35 4.34
C ALA A 50 9.18 -6.56 5.54
N GLY A 51 7.95 -6.04 5.45
CA GLY A 51 6.90 -6.34 6.39
C GLY A 51 5.87 -7.28 5.77
N ASP A 52 4.87 -7.66 6.58
CA ASP A 52 3.97 -8.70 6.09
C ASP A 52 3.00 -8.19 5.04
N ALA A 53 2.95 -6.89 4.78
CA ALA A 53 2.19 -6.41 3.64
C ALA A 53 2.82 -6.81 2.31
N CYS A 54 4.11 -7.17 2.34
CA CYS A 54 4.89 -7.30 1.11
C CYS A 54 4.38 -8.40 0.19
N GLY A 55 4.06 -7.98 -1.03
CA GLY A 55 3.60 -8.81 -2.08
C GLY A 55 2.12 -9.16 -2.07
N ARG A 56 1.37 -8.76 -1.05
CA ARG A 56 -0.06 -8.97 -1.08
C ARG A 56 -0.72 -8.10 -2.14
N CYS A 57 -1.84 -8.57 -2.67
CA CYS A 57 -2.55 -7.88 -3.74
C CYS A 57 -3.88 -7.34 -3.23
N PHE A 58 -4.18 -6.09 -3.61
CA PHE A 58 -5.37 -5.40 -3.16
C PHE A 58 -6.07 -4.72 -4.32
N ALA A 59 -7.41 -4.80 -4.33
CA ALA A 59 -8.23 -4.03 -5.25
C ALA A 59 -8.59 -2.70 -4.60
N LEU A 60 -8.30 -1.60 -5.30
CA LEU A 60 -8.45 -0.26 -4.77
C LEU A 60 -9.55 0.48 -5.52
N THR A 61 -10.38 1.21 -4.79
CA THR A 61 -11.49 1.94 -5.42
C THR A 61 -11.56 3.33 -4.80
N GLY A 62 -11.41 4.36 -5.63
CA GLY A 62 -11.56 5.73 -5.18
C GLY A 62 -12.98 6.21 -5.42
N ASN A 63 -13.53 6.94 -4.43
CA ASN A 63 -14.89 7.44 -4.58
C ASN A 63 -15.07 8.84 -4.01
N HIS A 64 -14.00 9.53 -3.62
CA HIS A 64 -14.11 10.87 -3.09
C HIS A 64 -12.79 11.60 -3.29
N ASP A 65 -12.87 12.88 -3.65
CA ASP A 65 -11.71 13.74 -3.67
C ASP A 65 -11.77 14.64 -2.44
N PRO A 66 -10.93 14.40 -1.43
CA PRO A 66 -11.03 15.20 -0.19
C PRO A 66 -10.65 16.66 -0.38
N TYR A 67 -9.90 16.98 -1.43
CA TYR A 67 -9.49 18.35 -1.73
C TYR A 67 -10.53 19.09 -2.54
N SER A 68 -11.40 18.38 -3.23
CA SER A 68 -12.44 18.97 -4.06
C SER A 68 -13.75 18.27 -3.73
N PRO A 69 -14.27 18.50 -2.54
CA PRO A 69 -15.43 17.70 -2.09
C PRO A 69 -16.68 17.91 -2.94
N ASN A 70 -16.75 18.99 -3.72
CA ASN A 70 -17.89 19.17 -4.61
C ASN A 70 -17.80 18.32 -5.87
N TYR A 71 -16.64 17.71 -6.15
CA TYR A 71 -16.48 16.88 -7.33
C TYR A 71 -17.21 15.55 -7.14
N THR A 72 -18.15 15.24 -8.05
CA THR A 72 -18.99 14.05 -7.92
C THR A 72 -18.54 12.90 -8.82
N GLY A 73 -17.47 13.10 -9.59
CA GLY A 73 -17.06 12.08 -10.53
C GLY A 73 -16.89 12.68 -11.92
N PRO A 74 -16.42 11.85 -12.88
CA PRO A 74 -16.14 10.43 -12.63
C PRO A 74 -14.82 10.22 -11.88
N PHE A 75 -14.73 9.11 -11.16
CA PHE A 75 -13.46 8.69 -10.60
C PHE A 75 -12.80 7.74 -11.60
N GLY A 76 -11.73 7.08 -11.19
CA GLY A 76 -11.01 6.18 -12.07
C GLY A 76 -11.58 4.78 -12.01
N GLN A 77 -10.78 3.83 -12.48
CA GLN A 77 -11.15 2.42 -12.41
C GLN A 77 -10.69 1.82 -11.10
N THR A 78 -11.36 0.74 -10.70
CA THR A 78 -10.79 -0.12 -9.66
C THR A 78 -9.57 -0.83 -10.23
N ILE A 79 -8.47 -0.80 -9.50
CA ILE A 79 -7.26 -1.46 -9.97
C ILE A 79 -6.81 -2.45 -8.90
N VAL A 80 -6.01 -3.44 -9.32
CA VAL A 80 -5.39 -4.37 -8.39
C VAL A 80 -3.90 -4.08 -8.36
N VAL A 81 -3.38 -3.75 -7.17
CA VAL A 81 -1.97 -3.44 -6.97
C VAL A 81 -1.34 -4.55 -6.13
N LYS A 82 -0.04 -4.74 -6.32
CA LYS A 82 0.76 -5.54 -5.40
C LYS A 82 1.54 -4.58 -4.51
N VAL A 83 1.51 -4.80 -3.20
CA VAL A 83 2.26 -3.93 -2.29
C VAL A 83 3.74 -4.35 -2.33
N THR A 84 4.60 -3.41 -2.71
CA THR A 84 6.03 -3.63 -2.71
C THR A 84 6.81 -2.64 -1.85
N ASP A 85 6.13 -1.66 -1.26
CA ASP A 85 6.83 -0.51 -0.71
C ASP A 85 6.14 -0.04 0.56
N LEU A 86 6.87 0.81 1.28
CA LEU A 86 6.47 1.38 2.55
C LEU A 86 6.26 2.88 2.38
N CYS A 87 5.11 3.37 2.83
CA CYS A 87 4.88 4.79 3.01
C CYS A 87 5.12 5.09 4.49
N PRO A 88 6.28 5.60 4.89
CA PRO A 88 6.60 5.70 6.32
C PRO A 88 5.88 6.87 6.98
N VAL A 89 5.72 6.74 8.30
CA VAL A 89 5.15 7.83 9.07
C VAL A 89 5.99 9.09 8.88
N GLN A 90 7.30 8.96 9.06
CA GLN A 90 8.22 10.09 8.94
C GLN A 90 8.14 10.70 7.54
N GLY A 91 7.82 11.99 7.48
CA GLY A 91 7.74 12.72 6.23
C GLY A 91 6.44 12.57 5.48
N ASN A 92 5.49 11.78 6.00
CA ASN A 92 4.20 11.58 5.35
C ASN A 92 3.08 11.64 6.38
N GLN A 93 3.05 12.71 7.16
CA GLN A 93 2.08 12.76 8.25
C GLN A 93 0.65 12.83 7.73
N GLU A 94 0.40 13.63 6.68
CA GLU A 94 -0.96 13.81 6.18
C GLU A 94 -1.59 12.48 5.82
N PHE A 95 -0.86 11.63 5.08
CA PHE A 95 -1.45 10.42 4.53
C PHE A 95 -1.00 9.13 5.19
N CYS A 96 0.23 9.05 5.71
CA CYS A 96 0.75 7.79 6.22
C CYS A 96 1.11 7.85 7.70
N GLY A 97 0.55 8.81 8.42
CA GLY A 97 0.87 9.03 9.81
C GLY A 97 0.12 8.18 10.81
N GLN A 98 -0.63 7.17 10.36
CA GLN A 98 -1.35 6.31 11.28
C GLN A 98 -0.39 5.61 12.26
N THR A 99 -0.73 5.64 13.54
CA THR A 99 0.02 5.00 14.62
C THR A 99 -0.94 4.25 15.54
N THR A 100 -0.41 3.37 16.39
CA THR A 100 -1.30 2.56 17.20
C THR A 100 -2.15 3.41 18.15
N SER A 101 -1.62 4.54 18.60
CA SER A 101 -2.39 5.41 19.48
C SER A 101 -3.25 6.40 18.71
N ASN A 102 -3.00 6.60 17.43
CA ASN A 102 -3.81 7.50 16.59
C ASN A 102 -3.90 6.86 15.22
N PRO A 103 -4.80 5.91 15.04
CA PRO A 103 -4.74 5.00 13.88
C PRO A 103 -5.34 5.55 12.60
N THR A 104 -5.71 6.82 12.51
CA THR A 104 -6.16 7.37 11.24
C THR A 104 -5.25 8.53 10.85
N ASN A 105 -5.19 8.81 9.55
CA ASN A 105 -4.40 9.92 9.06
C ASN A 105 -5.22 11.21 9.12
N GLN A 106 -4.71 12.29 8.53
CA GLN A 106 -5.38 13.58 8.62
C GLN A 106 -6.65 13.64 7.78
N HIS A 107 -6.94 12.60 6.99
CA HIS A 107 -8.22 12.47 6.32
C HIS A 107 -9.11 11.43 6.99
N GLY A 108 -8.79 11.05 8.21
CA GLY A 108 -9.61 10.08 8.92
C GLY A 108 -9.51 8.67 8.39
N MET A 109 -8.48 8.38 7.56
CA MET A 109 -8.40 7.05 6.93
C MET A 109 -7.43 6.16 7.70
N PRO A 110 -7.82 4.92 7.98
CA PRO A 110 -6.93 4.01 8.72
C PRO A 110 -5.87 3.34 7.86
N PHE A 111 -5.96 3.47 6.54
CA PHE A 111 -4.98 2.90 5.65
C PHE A 111 -4.66 3.92 4.57
N HIS A 112 -3.51 3.76 3.94
CA HIS A 112 -3.17 4.61 2.80
C HIS A 112 -2.42 3.78 1.77
N PHE A 113 -2.79 3.94 0.52
CA PHE A 113 -2.04 3.35 -0.59
C PHE A 113 -1.44 4.47 -1.44
N ASP A 114 -0.12 4.43 -1.58
CA ASP A 114 0.62 5.33 -2.45
C ASP A 114 0.90 4.55 -3.72
N ILE A 115 0.22 4.90 -4.81
CA ILE A 115 0.24 4.09 -6.03
C ILE A 115 1.39 4.52 -6.92
N CYS A 116 2.21 3.56 -7.36
CA CYS A 116 3.37 3.92 -8.16
C CYS A 116 2.95 4.37 -9.55
N GLU A 117 3.48 5.52 -9.98
CA GLU A 117 3.14 6.03 -11.30
C GLU A 117 3.89 5.29 -12.40
N ASP A 118 5.11 4.82 -12.09
CA ASP A 118 6.04 4.34 -13.12
C ASP A 118 5.42 3.28 -14.01
N THR A 119 4.73 2.31 -13.40
CA THR A 119 4.26 1.14 -14.11
C THR A 119 2.78 1.22 -14.48
N GLY A 120 2.16 2.39 -14.34
CA GLY A 120 0.86 2.66 -14.92
C GLY A 120 -0.32 2.65 -13.98
N GLY A 121 -0.13 2.25 -12.71
CA GLY A 121 -1.30 2.13 -11.83
C GLY A 121 -2.03 3.45 -11.61
N SER A 122 -1.30 4.53 -11.40
CA SER A 122 -1.98 5.79 -11.06
C SER A 122 -2.79 6.33 -12.24
N ALA A 123 -2.36 6.07 -13.49
CA ALA A 123 -3.10 6.57 -14.64
C ALA A 123 -4.47 5.89 -14.81
N LYS A 124 -4.62 4.67 -14.30
CA LYS A 124 -5.91 3.99 -14.31
C LYS A 124 -6.81 4.45 -13.19
N PHE A 125 -6.23 4.99 -12.12
CA PHE A 125 -6.94 5.25 -10.88
C PHE A 125 -7.30 6.72 -10.68
N PHE A 126 -6.39 7.64 -10.98
CA PHE A 126 -6.63 9.05 -10.68
C PHE A 126 -7.10 9.79 -11.91
N PRO A 127 -8.28 10.39 -11.88
CA PRO A 127 -8.66 11.32 -12.96
C PRO A 127 -7.68 12.48 -13.00
N SER A 128 -7.48 13.02 -14.21
CA SER A 128 -6.57 14.14 -14.38
C SER A 128 -6.99 15.30 -13.49
N GLY A 129 -6.01 15.90 -12.81
CA GLY A 129 -6.30 16.99 -11.89
C GLY A 129 -6.80 16.55 -10.54
N HIS A 130 -6.71 15.25 -10.22
CA HIS A 130 -7.19 14.73 -8.94
C HIS A 130 -6.13 13.76 -8.41
N GLY A 131 -5.13 14.32 -7.72
CA GLY A 131 -3.97 13.56 -7.26
C GLY A 131 -4.14 12.82 -5.95
N ALA A 132 -5.19 13.10 -5.19
CA ALA A 132 -5.44 12.39 -3.95
C ALA A 132 -6.92 12.06 -3.86
N LEU A 133 -7.22 10.84 -3.41
CA LEU A 133 -8.58 10.37 -3.31
C LEU A 133 -8.74 9.60 -2.00
N THR A 134 -9.98 9.37 -1.62
CA THR A 134 -10.28 8.36 -0.61
C THR A 134 -11.26 7.37 -1.21
N GLY A 135 -11.38 6.23 -0.54
CA GLY A 135 -12.22 5.15 -1.00
C GLY A 135 -11.98 3.91 -0.20
N THR A 136 -11.92 2.75 -0.88
CA THR A 136 -11.89 1.46 -0.23
C THR A 136 -10.81 0.58 -0.83
N PHE A 137 -10.46 -0.46 -0.08
CA PHE A 137 -9.56 -1.49 -0.58
C PHE A 137 -10.03 -2.84 -0.08
N THR A 138 -9.72 -3.87 -0.86
CA THR A 138 -10.00 -5.25 -0.50
C THR A 138 -8.83 -6.12 -0.95
N GLU A 139 -8.27 -6.90 -0.04
CA GLU A 139 -7.25 -7.86 -0.45
C GLU A 139 -7.87 -8.93 -1.32
N VAL A 140 -7.19 -9.25 -2.43
CA VAL A 140 -7.67 -10.25 -3.38
C VAL A 140 -6.55 -11.22 -3.67
N SER A 141 -6.90 -12.33 -4.31
CA SER A 141 -5.86 -13.23 -4.79
C SER A 141 -4.99 -12.50 -5.80
N CYS A 142 -3.69 -12.74 -5.74
CA CYS A 142 -2.82 -12.19 -6.78
C CYS A 142 -3.06 -12.81 -8.15
N SER A 143 -3.93 -13.81 -8.26
CA SER A 143 -4.45 -14.20 -9.57
C SER A 143 -5.10 -13.03 -10.29
N GLN A 144 -5.54 -12.02 -9.55
CA GLN A 144 -6.20 -10.85 -10.12
C GLN A 144 -5.22 -9.76 -10.50
N TRP A 145 -3.93 -9.98 -10.28
CA TRP A 145 -2.88 -9.00 -10.53
C TRP A 145 -2.05 -9.43 -11.75
N SER A 146 -1.87 -8.50 -12.67
CA SER A 146 -1.03 -8.72 -13.84
C SER A 146 0.40 -8.28 -13.55
N GLY A 147 1.37 -9.10 -13.95
CA GLY A 147 2.76 -8.70 -13.81
C GLY A 147 3.72 -9.77 -13.31
N SER A 148 4.99 -9.40 -13.17
CA SER A 148 6.02 -10.30 -12.69
C SER A 148 6.90 -9.56 -11.69
N ASP A 149 7.38 -10.29 -10.67
CA ASP A 149 8.25 -9.70 -9.68
C ASP A 149 9.64 -9.44 -10.25
N GLY A 150 10.28 -8.38 -9.76
CA GLY A 150 11.70 -8.19 -10.00
C GLY A 150 12.54 -9.08 -9.09
N GLY A 151 13.86 -9.07 -9.35
CA GLY A 151 14.76 -9.88 -8.55
C GLY A 151 15.10 -9.23 -7.22
N GLN A 152 15.59 -10.05 -6.28
CA GLN A 152 15.95 -9.53 -4.97
C GLN A 152 17.03 -8.45 -5.08
N LEU A 153 16.83 -7.35 -4.37
CA LEU A 153 17.80 -6.28 -4.34
C LEU A 153 18.77 -6.41 -3.18
N TRP A 154 18.44 -7.24 -2.21
CA TRP A 154 19.30 -7.48 -1.06
C TRP A 154 18.82 -8.74 -0.36
N ASN A 155 19.71 -9.30 0.46
CA ASN A 155 19.39 -10.46 1.26
CA ASN A 155 19.36 -10.48 1.24
C ASN A 155 18.20 -10.16 2.17
N GLY A 156 17.19 -11.03 2.16
CA GLY A 156 16.02 -10.84 2.97
C GLY A 156 14.85 -10.19 2.27
N ALA A 157 15.03 -9.76 1.02
CA ALA A 157 13.92 -9.22 0.25
C ALA A 157 12.80 -10.26 0.15
N CYS A 158 11.56 -9.77 0.13
CA CYS A 158 10.43 -10.67 0.32
C CYS A 158 9.20 -10.10 -0.35
N LEU A 159 8.60 -10.90 -1.23
CA LEU A 159 7.24 -10.65 -1.68
C LEU A 159 6.38 -11.89 -1.46
N SER A 160 6.68 -12.73 -0.48
CA SER A 160 5.96 -13.98 -0.33
CA SER A 160 5.96 -13.99 -0.33
C SER A 160 4.49 -13.79 0.01
N GLY A 161 4.07 -12.58 0.38
CA GLY A 161 2.65 -12.34 0.56
C GLY A 161 1.83 -12.57 -0.70
N GLU A 162 2.48 -12.65 -1.87
CA GLU A 162 1.73 -12.86 -3.12
C GLU A 162 1.10 -14.24 -3.22
N THR A 163 1.51 -15.20 -2.39
CA THR A 163 0.90 -16.53 -2.39
C THR A 163 0.14 -16.82 -1.10
N ALA A 164 0.04 -15.84 -0.20
CA ALA A 164 -0.54 -16.04 1.12
C ALA A 164 -2.07 -15.87 1.08
N PRO A 165 -2.80 -16.63 1.89
CA PRO A 165 -4.20 -16.31 2.12
C PRO A 165 -4.31 -14.89 2.68
N ASN A 166 -5.49 -14.29 2.53
CA ASN A 166 -5.70 -12.93 3.00
C ASN A 166 -5.43 -12.82 4.50
N TRP A 167 -5.02 -11.62 4.92
CA TRP A 167 -4.96 -11.31 6.35
C TRP A 167 -6.30 -11.68 7.00
N PRO A 168 -6.25 -12.25 8.20
CA PRO A 168 -5.07 -12.54 9.02
C PRO A 168 -4.33 -13.79 8.56
N SER A 169 -3.01 -13.67 8.42
CA SER A 169 -2.10 -14.73 7.97
C SER A 169 -0.69 -14.15 8.02
N THR A 170 0.30 -15.00 7.82
CA THR A 170 1.69 -14.56 7.83
C THR A 170 2.41 -15.10 6.61
N ALA A 171 3.16 -14.22 5.96
CA ALA A 171 4.06 -14.56 4.86
C ALA A 171 5.44 -14.01 5.18
N CYS A 172 5.77 -12.82 4.67
CA CYS A 172 7.07 -12.21 4.96
C CYS A 172 7.26 -12.00 6.46
N GLY A 173 6.20 -11.63 7.15
CA GLY A 173 6.24 -11.38 8.58
C GLY A 173 6.58 -9.94 8.92
N ASN A 174 6.11 -9.50 10.08
CA ASN A 174 6.32 -8.13 10.52
C ASN A 174 7.65 -8.02 11.25
N LYS A 175 8.23 -6.83 11.20
CA LYS A 175 9.52 -6.56 11.81
C LYS A 175 9.36 -5.48 12.85
N GLY A 176 9.80 -5.77 14.07
CA GLY A 176 9.73 -4.76 15.10
C GLY A 176 8.30 -4.52 15.55
N THR A 177 8.13 -3.37 16.20
CA THR A 177 6.86 -2.94 16.75
C THR A 177 6.32 -1.74 15.99
N ALA A 178 5.01 -1.74 15.77
CA ALA A 178 4.36 -0.65 15.06
C ALA A 178 4.63 0.69 15.74
N PRO A 179 4.65 1.78 14.97
CA PRO A 179 4.83 3.11 15.58
C PRO A 179 3.66 3.45 16.50
N SER A 180 3.98 4.03 17.65
CA SER A 180 2.96 4.29 18.68
C SER A 180 2.31 5.65 18.49
C2 BGC B . -1.05 15.40 -2.17
C3 BGC B . 0.35 14.88 -2.12
C4 BGC B . 0.57 13.76 -3.10
C5 BGC B . 0.10 14.14 -4.51
C6 BGC B . 0.22 13.01 -5.49
C1 BGC B . -1.37 15.82 -3.61
O1 BGC B . -2.63 16.33 -3.70
O2 BGC B . -1.17 16.52 -1.26
O3 BGC B . 0.61 14.41 -0.78
O4 BGC B . 1.99 13.54 -3.15
O5 BGC B . -1.28 14.62 -4.48
O6 BGC B . -0.67 11.97 -5.18
C2 BGC B . 3.81 12.06 -3.19
C3 BGC B . 4.39 10.79 -2.64
C4 BGC B . 4.14 10.64 -1.18
C5 BGC B . 2.64 10.73 -0.90
C6 BGC B . 2.33 10.52 0.55
C1 BGC B . 2.35 12.25 -2.82
O2 BGC B . 3.96 12.04 -4.62
O3 BGC B . 5.83 10.81 -2.92
O4 BGC B . 4.65 9.37 -0.73
O5 BGC B . 2.10 12.02 -1.36
O6 BGC B . 2.80 11.61 1.30
S SO4 C . -2.91 13.53 12.91
O1 SO4 C . -3.82 14.47 13.56
O2 SO4 C . -1.90 14.27 12.13
O3 SO4 C . -3.70 12.66 12.03
O4 SO4 C . -2.22 12.74 13.93
#